data_7BZ5
#
_entry.id   7BZ5
#
_cell.length_a   195.226
_cell.length_b   86.417
_cell.length_c   56.827
_cell.angle_alpha   90.000
_cell.angle_beta   100.190
_cell.angle_gamma   90.000
#
_symmetry.space_group_name_H-M   'C 1 2 1'
#
loop_
_entity.id
_entity.type
_entity.pdbx_description
1 polymer 'Spike protein S1'
2 polymer 'Heavy chain of B38'
3 polymer 'Light chain of B38'
4 non-polymer 2-acetamido-2-deoxy-beta-D-glucopyranose
5 water water
#
loop_
_entity_poly.entity_id
_entity_poly.type
_entity_poly.pdbx_seq_one_letter_code
_entity_poly.pdbx_strand_id
1 'polypeptide(L)'
;RVQPTESIVRFPNITNLCPFGEVFNATRFASVYAWNRKRISNCVADYSVLYNSASFSTFKCYGVSPTKLNDLCFTNVYAD
SFVIRGDEVRQIAPGQTGKIADYNYKLPDDFTGCVIAWNSNNLDSKVGGNYNYLYRLFRKSNLKPFERDISTEIYQAGST
PCNGVEGFNCYFPLQSYGFQPTNGVGYQPYRVVVLSFELLHAPATVCGPKKSTNLVKNKCVNFHHHHHH
;
A
2 'polypeptide(L)'
;GDEVQLVESGGGLVQPGGSLRLSCAASGFIVSSNYMSWVRQAPGKGLEWVSVIYSGGSTYYADSVKGRFTISRHNSKNTL
YLQMNSLRAEDTAVYYCAREAYGMDVWGQGTTVTVSSASTKGPSVFPLAPSSKSTSGGTAALGCLVKDYFPEPVTVSWNS
GALTSGVHTFPAVLQSSGLYSLSSVVTVPSSSLGTQTYICNVNHKPSNTKVDKRVEPKSCDK
;
H
3 'polypeptide(L)'
;GDDIVMTQSPSFLSASVGDRVTITCRASQGISSYLAWYQQKPGKAPKLLIYAASTLQSGVPSRFSGSGSGTEFTLTISSL
QPEDFATYYCQQLNSYPPYTFGQGTKLEIKRTVAAPSVFIFPPSDEQLKSGTASVVCLLNNFYPREAKVQWKVDNALQSG
NSQESVTEQDSKDSTYSLSSTLTLSKADYEKHKVYACEVTHQGLSSPVTKSFNRGECS
;
L
#
# COMPACT_ATOMS: atom_id res chain seq x y z
N ASN A 16 4.17 21.89 55.04
CA ASN A 16 3.35 20.81 54.47
C ASN A 16 3.50 20.75 52.95
N LEU A 17 4.45 19.95 52.47
CA LEU A 17 4.77 19.92 51.05
C LEU A 17 3.88 18.94 50.29
N CYS A 18 3.55 19.32 49.06
CA CYS A 18 2.63 18.51 48.26
C CYS A 18 3.26 17.17 47.91
N PRO A 19 2.48 16.09 47.90
CA PRO A 19 3.03 14.73 47.77
C PRO A 19 3.28 14.31 46.31
N PHE A 20 4.09 15.08 45.59
CA PHE A 20 4.37 14.75 44.19
C PHE A 20 5.11 13.44 44.05
N GLY A 21 5.94 13.07 45.03
CA GLY A 21 6.66 11.82 44.96
C GLY A 21 5.73 10.61 44.91
N GLU A 22 4.58 10.70 45.59
CA GLU A 22 3.58 9.66 45.49
C GLU A 22 3.12 9.46 44.05
N VAL A 23 3.11 10.52 43.25
CA VAL A 23 2.60 10.42 41.88
C VAL A 23 3.71 10.08 40.90
N PHE A 24 4.81 10.82 40.94
CA PHE A 24 5.86 10.65 39.93
C PHE A 24 6.63 9.37 40.13
N ASN A 25 6.85 8.98 41.39
CA ASN A 25 7.65 7.82 41.72
C ASN A 25 6.80 6.63 42.16
N ALA A 26 5.54 6.59 41.73
CA ALA A 26 4.69 5.44 42.04
C ALA A 26 5.20 4.20 41.33
N THR A 27 5.19 3.06 42.04
CA THR A 27 5.71 1.83 41.46
C THR A 27 4.89 1.38 40.26
N ARG A 28 3.57 1.46 40.38
CA ARG A 28 2.65 1.08 39.32
C ARG A 28 1.92 2.33 38.80
N PHE A 29 1.73 2.38 37.48
CA PHE A 29 0.96 3.42 36.82
C PHE A 29 -0.29 2.82 36.20
N ALA A 30 -1.32 3.64 36.03
CA ALA A 30 -2.57 3.17 35.46
C ALA A 30 -2.46 2.95 33.95
N SER A 31 -3.31 2.06 33.43
CA SER A 31 -3.62 2.11 32.00
C SER A 31 -4.33 3.42 31.67
N VAL A 32 -4.10 3.91 30.45
CA VAL A 32 -4.61 5.22 30.07
C VAL A 32 -6.14 5.25 30.03
N TYR A 33 -6.80 4.14 29.69
CA TYR A 33 -8.27 4.18 29.67
C TYR A 33 -8.82 4.32 31.08
N ALA A 34 -8.07 3.81 32.06
CA ALA A 34 -8.47 3.85 33.46
C ALA A 34 -7.56 4.82 34.22
N TRP A 35 -7.29 5.98 33.62
CA TRP A 35 -6.28 6.89 34.12
C TRP A 35 -6.56 7.31 35.55
N ASN A 36 -5.49 7.48 36.31
CA ASN A 36 -5.59 7.78 37.74
C ASN A 36 -5.63 9.30 37.96
N ARG A 37 -6.39 9.74 38.95
CA ARG A 37 -6.43 11.15 39.33
C ARG A 37 -6.14 11.27 40.81
N LYS A 38 -5.16 12.10 41.15
CA LYS A 38 -4.82 12.40 42.53
C LYS A 38 -5.15 13.88 42.79
N ARG A 39 -5.90 14.13 43.84
CA ARG A 39 -6.22 15.50 44.22
C ARG A 39 -5.14 16.01 45.18
N ILE A 40 -4.61 17.19 44.89
CA ILE A 40 -3.54 17.79 45.70
C ILE A 40 -4.06 19.10 46.27
N SER A 41 -4.00 19.23 47.60
CA SER A 41 -4.59 20.38 48.25
C SER A 41 -3.91 20.59 49.59
N ASN A 42 -4.05 21.81 50.12
CA ASN A 42 -3.58 22.18 51.45
C ASN A 42 -2.12 21.79 51.65
N CYS A 43 -1.28 22.27 50.73
CA CYS A 43 0.14 21.96 50.78
C CYS A 43 0.90 23.01 49.99
N VAL A 44 2.21 23.01 50.18
CA VAL A 44 3.11 23.89 49.43
C VAL A 44 3.82 23.07 48.36
N ALA A 45 3.79 23.57 47.13
CA ALA A 45 4.38 22.89 45.99
C ALA A 45 5.55 23.71 45.48
N ASP A 46 6.69 23.06 45.28
CA ASP A 46 7.83 23.69 44.63
C ASP A 46 7.95 23.01 43.27
N TYR A 47 7.46 23.68 42.23
CA TYR A 47 7.44 23.13 40.89
C TYR A 47 8.78 23.24 40.21
N SER A 48 9.65 24.15 40.65
CA SER A 48 10.96 24.27 40.01
C SER A 48 11.81 23.02 40.20
N VAL A 49 11.62 22.28 41.30
CA VAL A 49 12.36 21.02 41.44
C VAL A 49 11.98 20.03 40.34
N LEU A 50 10.73 20.06 39.87
CA LEU A 50 10.37 19.19 38.78
C LEU A 50 10.92 19.71 37.45
N TYR A 51 10.69 20.99 37.16
CA TYR A 51 11.11 21.53 35.87
C TYR A 51 12.62 21.39 35.68
N ASN A 52 13.39 21.57 36.76
CA ASN A 52 14.83 21.31 36.73
C ASN A 52 15.06 19.88 37.19
N SER A 53 14.94 18.94 36.25
CA SER A 53 15.19 17.54 36.57
C SER A 53 16.01 16.79 35.52
N ALA A 54 15.94 17.17 34.24
CA ALA A 54 16.64 16.48 33.14
C ALA A 54 16.14 15.06 32.93
N SER A 55 15.30 14.55 33.82
CA SER A 55 14.73 13.23 33.66
C SER A 55 13.48 13.21 32.79
N PHE A 56 12.92 14.37 32.44
CA PHE A 56 11.68 14.44 31.70
C PHE A 56 11.96 14.81 30.24
N SER A 57 11.45 13.98 29.32
CA SER A 57 11.56 14.30 27.91
C SER A 57 10.45 15.24 27.44
N THR A 58 9.32 15.28 28.13
CA THR A 58 8.28 16.27 27.87
C THR A 58 8.00 17.03 29.16
N PHE A 59 8.01 18.36 29.08
CA PHE A 59 7.55 19.20 30.19
C PHE A 59 6.99 20.47 29.56
N LYS A 60 5.70 20.43 29.22
CA LYS A 60 5.05 21.51 28.49
C LYS A 60 3.91 22.08 29.32
N CYS A 61 3.89 23.40 29.46
CA CYS A 61 2.86 24.04 30.25
C CYS A 61 1.98 24.91 29.36
N TYR A 62 0.72 25.00 29.75
CA TYR A 62 -0.31 25.71 28.99
C TYR A 62 -1.01 26.68 29.92
N GLY A 63 -1.13 27.93 29.48
CA GLY A 63 -1.74 28.96 30.29
C GLY A 63 -0.77 29.63 31.26
N VAL A 64 0.09 28.83 31.88
CA VAL A 64 1.10 29.30 32.81
C VAL A 64 2.46 29.04 32.20
N SER A 65 3.48 29.72 32.75
CA SER A 65 4.80 29.48 32.17
C SER A 65 5.57 28.46 33.00
N PRO A 66 6.46 27.64 32.37
CA PRO A 66 7.19 26.61 33.13
C PRO A 66 7.95 27.16 34.34
N THR A 67 8.93 28.03 34.11
CA THR A 67 9.40 28.84 35.21
C THR A 67 8.31 29.83 35.60
N LYS A 68 8.53 30.55 36.71
CA LYS A 68 7.50 31.43 37.30
C LYS A 68 6.33 30.64 37.87
N LEU A 69 6.50 29.33 38.08
CA LEU A 69 5.40 28.50 38.55
C LEU A 69 5.20 28.55 40.06
N ASN A 70 6.26 28.82 40.81
CA ASN A 70 6.17 28.78 42.27
C ASN A 70 5.55 30.04 42.87
N ASP A 71 5.15 31.01 42.05
CA ASP A 71 4.54 32.24 42.54
C ASP A 71 3.02 32.21 42.45
N LEU A 72 2.43 31.04 42.16
CA LEU A 72 1.00 30.94 41.91
C LEU A 72 0.31 30.18 43.03
N CYS A 73 -1.00 30.40 43.14
CA CYS A 73 -1.86 29.71 44.09
C CYS A 73 -3.12 29.23 43.38
N PHE A 74 -3.66 28.10 43.85
CA PHE A 74 -4.84 27.52 43.25
C PHE A 74 -5.70 26.88 44.34
N THR A 75 -6.99 26.73 44.05
CA THR A 75 -7.87 26.03 44.98
C THR A 75 -7.59 24.53 45.00
N ASN A 76 -7.34 23.93 43.84
CA ASN A 76 -7.00 22.52 43.79
C ASN A 76 -6.07 22.28 42.62
N VAL A 77 -5.13 21.36 42.81
CA VAL A 77 -4.31 20.81 41.74
C VAL A 77 -4.69 19.35 41.58
N TYR A 78 -4.89 18.91 40.34
CA TYR A 78 -5.08 17.50 40.05
C TYR A 78 -3.85 16.98 39.34
N ALA A 79 -3.47 15.76 39.66
CA ALA A 79 -2.37 15.07 38.99
C ALA A 79 -2.92 13.79 38.39
N ASP A 80 -3.08 13.76 37.08
CA ASP A 80 -3.54 12.57 36.38
C ASP A 80 -2.33 11.83 35.85
N SER A 81 -2.38 10.50 35.87
CA SER A 81 -1.20 9.76 35.45
C SER A 81 -1.59 8.43 34.81
N PHE A 82 -0.74 7.95 33.91
CA PHE A 82 -1.04 6.81 33.05
C PHE A 82 0.19 6.53 32.18
N VAL A 83 0.13 5.42 31.44
CA VAL A 83 1.15 5.00 30.50
C VAL A 83 0.56 4.94 29.09
N ILE A 84 1.29 5.47 28.10
CA ILE A 84 0.98 5.38 26.67
C ILE A 84 2.28 5.12 25.92
N ARG A 85 2.20 4.94 24.59
CA ARG A 85 3.46 4.80 23.88
C ARG A 85 4.01 6.16 23.48
N GLY A 86 5.31 6.18 23.17
CA GLY A 86 5.99 7.44 22.89
C GLY A 86 5.39 8.21 21.73
N ASP A 87 4.93 7.49 20.69
CA ASP A 87 4.31 8.14 19.53
C ASP A 87 3.01 8.85 19.88
N GLU A 88 2.42 8.57 21.04
CA GLU A 88 1.16 9.14 21.45
C GLU A 88 1.29 10.30 22.44
N VAL A 89 2.50 10.59 22.95
CA VAL A 89 2.63 11.66 23.94
C VAL A 89 2.18 13.00 23.35
N ARG A 90 2.33 13.18 22.03
CA ARG A 90 1.89 14.42 21.41
C ARG A 90 0.38 14.61 21.49
N GLN A 91 -0.38 13.53 21.72
CA GLN A 91 -1.82 13.65 21.86
C GLN A 91 -2.26 14.20 23.22
N ILE A 92 -1.37 14.24 24.20
CA ILE A 92 -1.71 14.76 25.52
C ILE A 92 -1.45 16.25 25.48
N ALA A 93 -2.31 16.98 24.78
CA ALA A 93 -2.19 18.42 24.63
C ALA A 93 -3.54 18.95 24.18
N PRO A 94 -3.86 20.22 24.46
CA PRO A 94 -5.15 20.74 23.99
C PRO A 94 -5.21 20.68 22.47
N GLY A 95 -6.41 20.39 21.94
CA GLY A 95 -6.65 20.47 20.52
C GLY A 95 -6.14 19.31 19.69
N GLN A 96 -5.73 18.21 20.30
CA GLN A 96 -5.19 17.07 19.58
C GLN A 96 -6.27 16.03 19.31
N THR A 97 -5.99 15.15 18.34
CA THR A 97 -6.87 14.03 18.03
C THR A 97 -6.04 12.76 17.94
N GLY A 98 -6.73 11.62 17.96
CA GLY A 98 -6.06 10.34 17.85
C GLY A 98 -6.74 9.35 18.77
N LYS A 99 -6.32 8.08 18.76
CA LYS A 99 -6.97 7.09 19.60
C LYS A 99 -6.91 7.46 21.08
N ILE A 100 -5.81 8.09 21.50
CA ILE A 100 -5.71 8.41 22.92
C ILE A 100 -6.57 9.62 23.26
N ALA A 101 -6.37 10.73 22.55
CA ALA A 101 -7.15 11.92 22.84
C ALA A 101 -8.64 11.68 22.61
N ASP A 102 -8.99 10.89 21.58
CA ASP A 102 -10.40 10.70 21.27
C ASP A 102 -11.06 9.74 22.24
N TYR A 103 -10.40 8.63 22.56
CA TYR A 103 -11.09 7.53 23.23
C TYR A 103 -10.56 7.20 24.61
N ASN A 104 -9.52 7.89 25.08
CA ASN A 104 -8.89 7.49 26.33
C ASN A 104 -8.69 8.62 27.34
N TYR A 105 -8.04 9.71 26.92
CA TYR A 105 -7.78 10.83 27.83
C TYR A 105 -7.74 12.12 27.04
N LYS A 106 -8.66 13.03 27.35
CA LYS A 106 -8.91 14.23 26.54
C LYS A 106 -8.67 15.48 27.38
N LEU A 107 -7.70 16.33 26.93
CA LEU A 107 -7.54 17.63 27.56
C LEU A 107 -8.46 18.66 26.89
N PRO A 108 -8.97 19.64 27.62
CA PRO A 108 -9.82 20.65 27.01
C PRO A 108 -9.00 21.66 26.22
N ASP A 109 -9.67 22.35 25.30
CA ASP A 109 -9.02 23.42 24.53
C ASP A 109 -8.43 24.49 25.45
N ASP A 110 -9.16 24.87 26.51
CA ASP A 110 -8.73 25.93 27.42
C ASP A 110 -7.91 25.40 28.59
N PHE A 111 -7.16 24.33 28.38
CA PHE A 111 -6.39 23.71 29.44
C PHE A 111 -5.36 24.69 30.01
N THR A 112 -5.32 24.79 31.34
CA THR A 112 -4.24 25.48 32.04
C THR A 112 -3.59 24.45 32.96
N GLY A 113 -2.34 24.12 32.67
CA GLY A 113 -1.65 23.10 33.42
C GLY A 113 -0.35 22.73 32.72
N CYS A 114 0.20 21.58 33.11
CA CYS A 114 1.45 21.12 32.53
C CYS A 114 1.36 19.62 32.25
N VAL A 115 1.97 19.21 31.16
CA VAL A 115 2.03 17.81 30.75
C VAL A 115 3.48 17.38 30.86
N ILE A 116 3.72 16.29 31.60
CA ILE A 116 5.07 15.84 31.91
C ILE A 116 5.18 14.38 31.51
N ALA A 117 6.26 14.02 30.83
CA ALA A 117 6.38 12.63 30.39
C ALA A 117 7.84 12.22 30.36
N TRP A 118 8.06 10.92 30.48
CA TRP A 118 9.41 10.39 30.43
C TRP A 118 9.35 8.93 30.00
N ASN A 119 10.41 8.49 29.34
CA ASN A 119 10.47 7.12 28.86
C ASN A 119 10.53 6.16 30.05
N SER A 120 9.71 5.11 30.03
CA SER A 120 9.69 4.12 31.11
C SER A 120 9.94 2.71 30.59
N ASN A 121 10.72 2.58 29.51
CA ASN A 121 11.02 1.26 28.95
C ASN A 121 11.66 0.33 29.98
N ASN A 122 12.50 0.88 30.87
CA ASN A 122 13.19 0.01 31.81
C ASN A 122 12.29 -0.49 32.92
N LEU A 123 11.07 0.04 33.06
CA LEU A 123 10.14 -0.35 34.11
C LEU A 123 8.90 -1.05 33.59
N ASP A 124 8.44 -0.68 32.39
CA ASP A 124 7.13 -1.07 31.90
C ASP A 124 7.17 -2.01 30.69
N SER A 125 8.33 -2.27 30.11
CA SER A 125 8.47 -3.29 29.08
C SER A 125 8.93 -4.58 29.73
N LYS A 126 8.62 -5.71 29.08
CA LYS A 126 9.07 -7.01 29.56
C LYS A 126 9.44 -7.87 28.36
N VAL A 127 10.47 -8.71 28.52
CA VAL A 127 10.78 -9.70 27.51
C VAL A 127 9.57 -10.59 27.30
N GLY A 128 9.21 -10.81 26.04
CA GLY A 128 7.99 -11.51 25.70
C GLY A 128 6.77 -10.63 25.71
N GLY A 129 6.90 -9.40 26.17
CA GLY A 129 5.81 -8.45 26.12
C GLY A 129 5.12 -8.24 27.45
N ASN A 130 4.97 -6.98 27.85
CA ASN A 130 4.13 -6.64 29.00
C ASN A 130 2.75 -6.31 28.46
N TYR A 131 1.75 -7.12 28.81
CA TYR A 131 0.40 -6.92 28.29
C TYR A 131 -0.55 -6.30 29.32
N ASN A 132 -0.02 -5.85 30.45
CA ASN A 132 -0.88 -5.29 31.49
C ASN A 132 -1.43 -3.92 31.13
N TYR A 133 -0.73 -3.15 30.28
CA TYR A 133 -1.18 -1.80 29.92
C TYR A 133 -2.10 -1.85 28.71
N LEU A 134 -3.31 -1.31 28.86
CA LEU A 134 -4.33 -1.32 27.84
C LEU A 134 -4.71 0.09 27.41
N TYR A 135 -5.30 0.19 26.23
CA TYR A 135 -5.98 1.41 25.80
C TYR A 135 -7.29 1.03 25.14
N ARG A 136 -8.22 1.97 25.10
CA ARG A 136 -9.50 1.76 24.44
C ARG A 136 -9.31 1.99 22.94
N LEU A 137 -9.61 0.96 22.16
CA LEU A 137 -9.47 1.01 20.71
C LEU A 137 -10.78 1.31 19.99
N PHE A 138 -11.91 0.83 20.51
CA PHE A 138 -13.20 1.02 19.88
C PHE A 138 -14.10 1.87 20.78
N ARG A 139 -14.65 2.93 20.21
CA ARG A 139 -15.61 3.77 20.92
C ARG A 139 -16.43 4.54 19.88
N LYS A 140 -17.73 4.67 20.13
CA LYS A 140 -18.60 5.26 19.12
C LYS A 140 -18.37 6.77 18.98
N SER A 141 -18.09 7.45 20.09
N SER A 141 -18.11 7.45 20.08
CA SER A 141 -17.94 8.90 20.07
CA SER A 141 -17.94 8.91 20.08
C SER A 141 -16.72 9.29 20.90
C SER A 141 -16.71 9.29 20.89
N ASN A 142 -16.24 10.51 20.66
CA ASN A 142 -15.07 11.01 21.38
C ASN A 142 -15.43 11.30 22.83
N LEU A 143 -14.43 11.17 23.69
CA LEU A 143 -14.57 11.55 25.10
C LEU A 143 -14.71 13.05 25.24
N LYS A 144 -15.46 13.47 26.24
CA LYS A 144 -15.40 14.86 26.67
C LYS A 144 -14.11 15.09 27.44
N PRO A 145 -13.67 16.34 27.60
CA PRO A 145 -12.45 16.59 28.38
C PRO A 145 -12.58 16.04 29.80
N PHE A 146 -11.51 15.38 30.25
CA PHE A 146 -11.43 14.82 31.60
C PHE A 146 -12.49 13.76 31.85
N GLU A 147 -12.97 13.11 30.79
CA GLU A 147 -13.87 11.99 30.93
C GLU A 147 -13.05 10.70 31.05
N ARG A 148 -13.55 9.75 31.83
CA ARG A 148 -12.87 8.48 32.08
C ARG A 148 -13.87 7.36 31.87
N ASP A 149 -13.67 6.57 30.82
CA ASP A 149 -14.59 5.48 30.44
C ASP A 149 -13.92 4.16 30.79
N ILE A 150 -14.50 3.42 31.73
CA ILE A 150 -13.95 2.15 32.16
C ILE A 150 -14.82 0.97 31.72
N SER A 151 -15.78 1.21 30.83
CA SER A 151 -16.64 0.14 30.35
C SER A 151 -15.83 -0.93 29.63
N THR A 152 -16.24 -2.20 29.77
CA THR A 152 -15.65 -3.27 28.98
C THR A 152 -16.73 -4.00 28.17
N GLU A 153 -17.82 -3.31 27.88
CA GLU A 153 -18.90 -3.87 27.07
C GLU A 153 -18.40 -4.17 25.66
N ILE A 154 -18.86 -5.28 25.08
CA ILE A 154 -18.45 -5.60 23.72
C ILE A 154 -18.93 -4.53 22.75
N TYR A 155 -18.05 -4.12 21.85
CA TYR A 155 -18.33 -3.00 20.95
C TYR A 155 -19.10 -3.49 19.73
N GLN A 156 -20.26 -2.89 19.48
CA GLN A 156 -21.17 -3.32 18.43
C GLN A 156 -20.88 -2.49 17.18
N ALA A 157 -20.22 -3.10 16.20
CA ALA A 157 -19.81 -2.40 14.99
C ALA A 157 -20.79 -2.58 13.83
N GLY A 158 -21.87 -3.34 14.01
CA GLY A 158 -22.90 -3.49 13.00
C GLY A 158 -24.28 -3.43 13.64
N SER A 159 -25.32 -3.84 12.92
CA SER A 159 -26.68 -3.77 13.44
CA SER A 159 -26.67 -3.76 13.45
C SER A 159 -27.05 -4.95 14.33
N THR A 160 -26.21 -6.01 14.38
CA THR A 160 -26.58 -7.17 15.17
C THR A 160 -26.05 -7.02 16.60
N PRO A 161 -26.88 -7.20 17.62
CA PRO A 161 -26.38 -7.11 19.00
C PRO A 161 -25.33 -8.19 19.28
N CYS A 162 -24.37 -7.86 20.13
CA CYS A 162 -23.28 -8.79 20.41
C CYS A 162 -23.61 -9.77 21.54
N ASN A 163 -24.50 -9.40 22.47
CA ASN A 163 -24.89 -10.29 23.55
C ASN A 163 -23.68 -10.82 24.32
N GLY A 164 -22.66 -9.97 24.48
CA GLY A 164 -21.49 -10.31 25.25
C GLY A 164 -20.53 -11.30 24.61
N VAL A 165 -20.69 -11.61 23.33
CA VAL A 165 -19.85 -12.59 22.64
C VAL A 165 -19.02 -11.85 21.59
N GLU A 166 -17.69 -11.97 21.68
CA GLU A 166 -16.82 -11.42 20.66
C GLU A 166 -16.95 -12.20 19.35
N GLY A 167 -16.78 -11.48 18.25
CA GLY A 167 -16.86 -12.11 16.95
C GLY A 167 -16.91 -11.05 15.86
N PHE A 168 -17.44 -11.46 14.71
CA PHE A 168 -17.58 -10.51 13.61
C PHE A 168 -18.45 -9.32 14.03
N ASN A 169 -17.92 -8.11 13.84
CA ASN A 169 -18.60 -6.86 14.20
C ASN A 169 -18.82 -6.72 15.69
N CYS A 170 -18.11 -7.50 16.51
CA CYS A 170 -18.35 -7.57 17.95
C CYS A 170 -17.01 -7.65 18.66
N TYR A 171 -16.47 -6.49 19.07
CA TYR A 171 -15.07 -6.37 19.45
C TYR A 171 -14.94 -6.02 20.93
N PHE A 172 -14.05 -6.72 21.61
CA PHE A 172 -13.67 -6.28 22.95
C PHE A 172 -13.01 -4.92 22.82
N PRO A 173 -13.44 -3.92 23.59
CA PRO A 173 -13.09 -2.52 23.26
C PRO A 173 -11.67 -2.12 23.62
N LEU A 174 -11.00 -2.85 24.52
CA LEU A 174 -9.66 -2.51 24.96
C LEU A 174 -8.63 -3.39 24.28
N GLN A 175 -7.46 -2.81 24.01
CA GLN A 175 -6.36 -3.53 23.39
C GLN A 175 -5.10 -3.34 24.25
N SER A 176 -4.25 -4.36 24.29
CA SER A 176 -3.00 -4.25 25.04
C SER A 176 -1.89 -3.66 24.18
N TYR A 177 -1.05 -2.83 24.81
CA TYR A 177 0.17 -2.35 24.14
C TYR A 177 1.18 -3.47 23.94
N GLY A 178 1.31 -4.38 24.91
CA GLY A 178 2.33 -5.43 24.76
C GLY A 178 3.76 -4.96 24.65
N PHE A 179 4.14 -3.96 25.45
CA PHE A 179 5.49 -3.37 25.42
C PHE A 179 6.60 -4.40 25.57
N GLN A 180 7.53 -4.39 24.62
CA GLN A 180 8.75 -5.19 24.67
C GLN A 180 9.97 -4.29 24.66
N PRO A 181 11.04 -4.66 25.39
CA PRO A 181 12.19 -3.75 25.51
C PRO A 181 12.88 -3.45 24.20
N THR A 182 12.74 -4.31 23.18
CA THR A 182 13.35 -4.11 21.86
C THR A 182 12.49 -3.23 20.92
N ASN A 183 11.35 -2.74 21.39
CA ASN A 183 10.53 -1.81 20.61
C ASN A 183 11.34 -0.58 20.21
N GLY A 184 11.05 -0.05 19.01
CA GLY A 184 11.50 1.29 18.69
C GLY A 184 10.91 2.31 19.64
N VAL A 185 11.58 3.46 19.76
CA VAL A 185 11.23 4.43 20.81
C VAL A 185 9.75 4.83 20.72
N GLY A 186 9.22 4.95 19.50
CA GLY A 186 7.82 5.33 19.38
C GLY A 186 6.84 4.29 19.89
N TYR A 187 7.27 3.03 19.97
CA TYR A 187 6.46 1.96 20.52
C TYR A 187 6.79 1.68 21.98
N GLN A 188 7.74 2.40 22.58
CA GLN A 188 8.11 2.17 23.97
C GLN A 188 7.15 2.88 24.91
N PRO A 189 7.00 2.39 26.14
CA PRO A 189 6.08 3.03 27.09
C PRO A 189 6.66 4.32 27.64
N TYR A 190 5.78 5.30 27.83
CA TYR A 190 6.11 6.55 28.48
C TYR A 190 5.14 6.74 29.65
N ARG A 191 5.67 7.12 30.80
CA ARG A 191 4.82 7.50 31.92
C ARG A 191 4.50 8.98 31.79
N VAL A 192 3.24 9.32 32.05
CA VAL A 192 2.73 10.68 31.82
C VAL A 192 2.05 11.16 33.10
N VAL A 193 2.33 12.40 33.49
CA VAL A 193 1.62 13.08 34.57
C VAL A 193 1.08 14.37 34.00
N VAL A 194 -0.23 14.59 34.15
CA VAL A 194 -0.88 15.83 33.77
C VAL A 194 -1.26 16.57 35.05
N LEU A 195 -0.69 17.75 35.23
CA LEU A 195 -1.05 18.63 36.35
C LEU A 195 -2.06 19.66 35.83
N SER A 196 -3.25 19.68 36.44
CA SER A 196 -4.29 20.66 36.13
C SER A 196 -4.41 21.61 37.29
N PHE A 197 -4.50 22.92 36.98
CA PHE A 197 -4.54 23.96 38.00
C PHE A 197 -5.95 24.54 38.04
N GLU A 198 -6.64 24.30 39.14
CA GLU A 198 -8.03 24.69 39.33
C GLU A 198 -8.11 25.86 40.31
N LEU A 199 -8.91 26.87 39.96
CA LEU A 199 -9.23 27.94 40.90
C LEU A 199 -10.70 28.33 40.75
N LEU A 200 -11.45 28.19 41.84
CA LEU A 200 -12.86 28.55 41.87
C LEU A 200 -13.08 29.77 42.78
N ALA A 202 -13.36 30.29 46.10
CA ALA A 202 -12.89 29.56 47.28
C ALA A 202 -11.44 29.91 47.60
N PRO A 203 -11.08 29.86 48.89
CA PRO A 203 -9.69 30.12 49.27
C PRO A 203 -8.72 29.16 48.58
N ALA A 204 -7.53 29.68 48.27
CA ALA A 204 -6.51 28.87 47.62
C ALA A 204 -5.91 27.87 48.61
N THR A 205 -5.73 26.63 48.15
CA THR A 205 -5.25 25.55 48.99
C THR A 205 -3.82 25.12 48.70
N VAL A 206 -3.34 25.29 47.48
CA VAL A 206 -2.02 24.83 47.08
C VAL A 206 -1.25 26.03 46.54
N CYS A 207 -0.14 26.36 47.21
CA CYS A 207 0.64 27.55 46.89
C CYS A 207 2.11 27.18 46.77
N GLY A 208 2.86 28.06 46.11
CA GLY A 208 4.28 27.93 46.06
C GLY A 208 4.93 28.28 47.39
N PRO A 209 6.26 28.17 47.45
CA PRO A 209 6.96 28.38 48.72
C PRO A 209 6.79 29.79 49.26
N LYS A 210 7.13 29.92 50.55
CA LYS A 210 7.15 31.20 51.26
C LYS A 210 5.86 32.00 51.14
N ASP B 2 -27.98 -9.02 6.33
CA ASP B 2 -27.53 -8.51 5.04
C ASP B 2 -26.13 -9.02 4.71
N GLU B 3 -25.85 -9.23 3.42
CA GLU B 3 -24.53 -9.64 2.98
C GLU B 3 -23.49 -8.59 3.34
N VAL B 4 -22.29 -9.03 3.71
CA VAL B 4 -21.20 -8.11 3.99
C VAL B 4 -20.56 -7.72 2.66
N GLN B 5 -20.55 -6.43 2.35
CA GLN B 5 -19.91 -6.00 1.11
C GLN B 5 -19.67 -4.50 1.11
N LEU B 6 -18.66 -4.10 0.36
CA LEU B 6 -18.37 -2.70 0.06
C LEU B 6 -18.41 -2.55 -1.46
N VAL B 7 -19.24 -1.62 -1.94
CA VAL B 7 -19.43 -1.44 -3.39
C VAL B 7 -19.00 -0.02 -3.74
N GLU B 8 -17.90 0.10 -4.49
CA GLU B 8 -17.37 1.40 -4.83
C GLU B 8 -17.87 1.86 -6.20
N SER B 9 -17.86 3.18 -6.38
CA SER B 9 -18.20 3.78 -7.66
C SER B 9 -17.57 5.16 -7.71
N GLY B 10 -17.58 5.75 -8.90
CA GLY B 10 -17.16 7.12 -9.09
C GLY B 10 -15.84 7.28 -9.81
N GLY B 11 -15.10 6.21 -10.03
CA GLY B 11 -13.85 6.32 -10.77
C GLY B 11 -14.10 6.71 -12.21
N GLY B 12 -13.09 7.34 -12.80
CA GLY B 12 -13.19 7.77 -14.18
C GLY B 12 -11.93 8.49 -14.59
N LEU B 13 -12.02 9.18 -15.72
CA LEU B 13 -10.89 9.91 -16.29
C LEU B 13 -11.00 11.38 -15.91
N VAL B 14 -9.88 11.97 -15.46
CA VAL B 14 -9.84 13.37 -15.03
C VAL B 14 -8.59 14.02 -15.59
N GLN B 15 -8.66 15.31 -15.86
CA GLN B 15 -7.45 16.04 -16.24
C GLN B 15 -6.65 16.46 -15.00
N PRO B 16 -5.35 16.66 -15.14
CA PRO B 16 -4.56 17.18 -14.00
C PRO B 16 -5.11 18.50 -13.50
N GLY B 17 -5.25 18.60 -12.18
CA GLY B 17 -5.88 19.76 -11.58
C GLY B 17 -7.37 19.59 -11.35
N GLY B 18 -7.97 18.53 -11.88
CA GLY B 18 -9.38 18.30 -11.78
C GLY B 18 -9.76 17.61 -10.49
N SER B 19 -11.05 17.33 -10.36
CA SER B 19 -11.60 16.77 -9.14
CA SER B 19 -11.63 16.79 -9.14
C SER B 19 -12.48 15.58 -9.47
N LEU B 20 -12.66 14.72 -8.47
CA LEU B 20 -13.47 13.52 -8.59
C LEU B 20 -13.91 13.11 -7.19
N ARG B 21 -15.12 12.58 -7.07
CA ARG B 21 -15.59 12.05 -5.78
C ARG B 21 -15.87 10.56 -5.92
N LEU B 22 -15.24 9.76 -5.05
CA LEU B 22 -15.51 8.33 -4.99
C LEU B 22 -16.51 8.04 -3.87
N SER B 23 -17.29 6.99 -4.06
CA SER B 23 -18.31 6.55 -3.10
C SER B 23 -18.07 5.09 -2.78
N CYS B 24 -18.47 4.69 -1.58
CA CYS B 24 -18.30 3.29 -1.14
C CYS B 24 -19.50 2.94 -0.27
N ALA B 25 -20.49 2.26 -0.84
CA ALA B 25 -21.71 1.88 -0.15
C ALA B 25 -21.49 0.56 0.59
N ALA B 26 -21.73 0.57 1.89
CA ALA B 26 -21.46 -0.60 2.73
C ALA B 26 -22.74 -1.35 3.08
N SER B 27 -22.61 -2.66 3.21
CA SER B 27 -23.67 -3.51 3.74
C SER B 27 -23.05 -4.49 4.73
N GLY B 28 -23.81 -4.82 5.77
CA GLY B 28 -23.37 -5.82 6.73
C GLY B 28 -22.56 -5.30 7.90
N PHE B 29 -22.30 -3.99 7.94
CA PHE B 29 -21.74 -3.31 9.10
C PHE B 29 -22.08 -1.83 8.94
N ILE B 30 -21.78 -1.04 9.98
CA ILE B 30 -22.21 0.36 10.03
C ILE B 30 -20.97 1.24 9.87
N VAL B 31 -20.92 1.96 8.75
CA VAL B 31 -19.75 2.76 8.40
C VAL B 31 -19.37 3.69 9.54
N SER B 32 -20.36 4.37 10.13
CA SER B 32 -20.03 5.38 11.14
C SER B 32 -19.54 4.77 12.45
N SER B 33 -19.63 3.46 12.64
CA SER B 33 -19.14 2.80 13.84
C SER B 33 -17.74 2.21 13.68
N ASN B 34 -17.10 2.38 12.53
CA ASN B 34 -15.89 1.65 12.19
C ASN B 34 -14.76 2.57 11.74
N TYR B 35 -13.53 2.06 11.89
CA TYR B 35 -12.37 2.64 11.20
C TYR B 35 -12.48 2.32 9.72
N MET B 36 -12.70 3.33 8.89
CA MET B 36 -12.83 3.10 7.45
C MET B 36 -11.71 3.81 6.71
N SER B 37 -11.10 3.11 5.74
CA SER B 37 -9.95 3.64 5.03
C SER B 37 -10.15 3.58 3.51
N TRP B 38 -9.41 4.43 2.82
CA TRP B 38 -9.18 4.30 1.39
C TRP B 38 -7.73 3.88 1.20
N VAL B 39 -7.52 2.91 0.30
CA VAL B 39 -6.21 2.36 -0.01
C VAL B 39 -6.12 2.29 -1.54
N ARG B 40 -5.01 2.70 -2.12
CA ARG B 40 -4.94 2.70 -3.59
C ARG B 40 -3.75 1.90 -4.08
N GLN B 41 -3.76 1.61 -5.39
CA GLN B 41 -2.73 0.76 -5.98
C GLN B 41 -2.50 1.26 -7.40
N ALA B 42 -1.39 1.96 -7.61
CA ALA B 42 -1.05 2.42 -8.96
C ALA B 42 -0.67 1.22 -9.83
N PRO B 43 -0.78 1.37 -11.16
CA PRO B 43 -0.55 0.22 -12.05
C PRO B 43 0.84 -0.38 -11.86
N GLY B 44 0.86 -1.70 -11.66
CA GLY B 44 2.10 -2.43 -11.44
C GLY B 44 2.78 -2.19 -10.12
N LYS B 45 2.15 -1.50 -9.18
CA LYS B 45 2.78 -1.13 -7.91
C LYS B 45 2.04 -1.78 -6.74
N GLY B 46 2.52 -1.50 -5.53
CA GLY B 46 1.95 -2.09 -4.33
C GLY B 46 0.81 -1.27 -3.75
N LEU B 47 0.37 -1.67 -2.58
CA LEU B 47 -0.71 -0.96 -1.89
C LEU B 47 -0.18 0.26 -1.16
N GLU B 48 -0.98 1.33 -1.17
CA GLU B 48 -0.63 2.58 -0.48
C GLU B 48 -1.86 3.09 0.25
N TRP B 49 -1.77 3.22 1.56
CA TRP B 49 -2.90 3.78 2.31
C TRP B 49 -3.05 5.27 1.99
N VAL B 50 -4.30 5.74 1.94
CA VAL B 50 -4.62 7.09 1.51
C VAL B 50 -5.22 7.92 2.66
N SER B 51 -6.24 7.39 3.31
CA SER B 51 -6.96 8.22 4.29
C SER B 51 -7.80 7.31 5.18
N VAL B 52 -8.07 7.77 6.40
CA VAL B 52 -8.90 7.02 7.34
C VAL B 52 -9.86 7.97 8.03
N ILE B 53 -11.02 7.46 8.43
CA ILE B 53 -11.94 8.22 9.29
C ILE B 53 -12.35 7.33 10.47
N TYR B 54 -12.22 7.87 11.69
CA TYR B 54 -12.55 7.13 12.90
C TYR B 54 -14.05 7.22 13.16
N SER B 55 -14.55 6.26 13.95
CA SER B 55 -15.97 6.30 14.33
C SER B 55 -16.31 7.63 14.99
N GLY B 56 -15.44 8.14 15.86
CA GLY B 56 -15.69 9.43 16.49
C GLY B 56 -15.51 10.64 15.60
N GLY B 57 -14.99 10.46 14.38
CA GLY B 57 -14.93 11.54 13.40
C GLY B 57 -13.53 12.02 13.04
N SER B 58 -12.50 11.71 13.82
CA SER B 58 -11.16 12.13 13.44
C SER B 58 -10.80 11.55 12.07
N THR B 59 -10.02 12.32 11.30
CA THR B 59 -9.59 11.93 9.96
C THR B 59 -8.09 12.13 9.82
N TYR B 60 -7.45 11.26 9.03
CA TYR B 60 -6.02 11.37 8.75
C TYR B 60 -5.76 11.03 7.30
N TYR B 61 -4.63 11.50 6.79
CA TYR B 61 -4.31 11.45 5.36
C TYR B 61 -2.86 11.10 5.16
N ALA B 62 -2.56 10.34 4.11
CA ALA B 62 -1.17 10.13 3.74
C ALA B 62 -0.54 11.46 3.32
N ASP B 63 0.77 11.59 3.60
CA ASP B 63 1.44 12.86 3.27
C ASP B 63 1.29 13.19 1.78
N SER B 64 1.22 12.18 0.92
CA SER B 64 1.16 12.42 -0.51
C SER B 64 -0.18 12.99 -0.98
N VAL B 65 -1.22 12.99 -0.15
CA VAL B 65 -2.52 13.52 -0.55
C VAL B 65 -3.03 14.62 0.37
N LYS B 66 -2.25 15.02 1.37
CA LYS B 66 -2.71 16.00 2.34
C LYS B 66 -3.03 17.33 1.67
N GLY B 67 -4.14 17.93 2.08
CA GLY B 67 -4.60 19.19 1.51
C GLY B 67 -5.37 19.06 0.23
N ARG B 68 -5.33 17.91 -0.44
CA ARG B 68 -6.01 17.68 -1.70
C ARG B 68 -7.22 16.76 -1.60
N PHE B 69 -7.17 15.77 -0.70
CA PHE B 69 -8.20 14.77 -0.55
C PHE B 69 -8.96 15.00 0.75
N THR B 70 -10.25 14.70 0.75
CA THR B 70 -11.07 14.77 1.96
C THR B 70 -11.91 13.50 2.06
N ILE B 71 -11.82 12.81 3.20
CA ILE B 71 -12.64 11.64 3.45
C ILE B 71 -13.85 12.09 4.26
N SER B 72 -14.99 11.43 4.04
CA SER B 72 -16.23 11.78 4.74
C SER B 72 -17.18 10.61 4.67
N ARG B 73 -18.31 10.72 5.35
CA ARG B 73 -19.29 9.66 5.32
C ARG B 73 -20.68 10.26 5.46
N HIS B 74 -21.68 9.49 5.06
CA HIS B 74 -23.08 9.87 5.24
C HIS B 74 -23.76 8.73 5.98
N ASN B 75 -24.14 8.97 7.23
CA ASN B 75 -24.59 7.86 8.08
C ASN B 75 -25.87 7.22 7.55
N SER B 76 -26.85 8.03 7.11
CA SER B 76 -28.12 7.47 6.69
C SER B 76 -27.99 6.62 5.43
N LYS B 77 -27.04 6.95 4.55
CA LYS B 77 -26.79 6.16 3.36
C LYS B 77 -25.77 5.05 3.60
N ASN B 78 -25.20 4.96 4.81
CA ASN B 78 -24.17 3.99 5.15
C ASN B 78 -23.09 3.93 4.07
N THR B 79 -22.58 5.11 3.71
CA THR B 79 -21.68 5.27 2.58
C THR B 79 -20.48 6.11 2.98
N LEU B 80 -19.30 5.71 2.50
CA LEU B 80 -18.05 6.42 2.68
C LEU B 80 -17.70 7.16 1.39
N TYR B 81 -17.03 8.30 1.51
CA TYR B 81 -16.66 9.09 0.33
C TYR B 81 -15.20 9.51 0.38
N LEU B 82 -14.63 9.74 -0.81
CA LEU B 82 -13.33 10.38 -0.92
C LEU B 82 -13.45 11.48 -1.97
N GLN B 83 -13.33 12.72 -1.53
CA GLN B 83 -13.32 13.86 -2.44
C GLN B 83 -11.88 14.13 -2.82
N MET B 84 -11.58 14.09 -4.11
CA MET B 84 -10.21 14.25 -4.60
C MET B 84 -10.13 15.52 -5.42
N ASN B 85 -9.37 16.51 -4.95
CA ASN B 85 -9.14 17.75 -5.67
C ASN B 85 -7.69 17.83 -6.12
N SER B 86 -7.44 18.75 -7.05
CA SER B 86 -6.10 19.05 -7.55
C SER B 86 -5.38 17.77 -7.94
N LEU B 87 -6.04 16.96 -8.76
CA LEU B 87 -5.50 15.63 -9.04
C LEU B 87 -4.25 15.72 -9.90
N ARG B 88 -3.38 14.72 -9.76
CA ARG B 88 -2.11 14.67 -10.47
C ARG B 88 -1.98 13.30 -11.14
N ALA B 89 -1.16 13.24 -12.18
CA ALA B 89 -1.02 11.99 -12.93
C ALA B 89 -0.66 10.83 -12.02
N GLU B 90 0.16 11.08 -10.99
CA GLU B 90 0.56 10.00 -10.09
C GLU B 90 -0.55 9.55 -9.15
N ASP B 91 -1.69 10.25 -9.13
CA ASP B 91 -2.85 9.72 -8.41
C ASP B 91 -3.57 8.63 -9.19
N THR B 92 -3.14 8.33 -10.42
CA THR B 92 -3.75 7.28 -11.22
C THR B 92 -3.58 5.94 -10.51
N ALA B 93 -4.69 5.25 -10.24
CA ALA B 93 -4.65 4.02 -9.45
C ALA B 93 -6.04 3.42 -9.35
N VAL B 94 -6.09 2.16 -8.93
CA VAL B 94 -7.33 1.58 -8.41
C VAL B 94 -7.47 1.99 -6.95
N TYR B 95 -8.63 2.50 -6.59
CA TYR B 95 -8.92 2.96 -5.22
C TYR B 95 -9.87 1.96 -4.58
N TYR B 96 -9.48 1.45 -3.40
CA TYR B 96 -10.30 0.54 -2.62
C TYR B 96 -10.73 1.21 -1.32
N CYS B 97 -11.94 0.92 -0.85
CA CYS B 97 -12.30 1.26 0.52
C CYS B 97 -12.21 0.00 1.35
N ALA B 98 -11.94 0.16 2.65
CA ALA B 98 -11.81 -1.02 3.49
C ALA B 98 -12.20 -0.67 4.92
N ARG B 99 -12.74 -1.65 5.63
CA ARG B 99 -13.02 -1.55 7.06
C ARG B 99 -11.86 -2.15 7.85
N GLU B 100 -11.38 -1.43 8.86
CA GLU B 100 -10.31 -1.96 9.70
C GLU B 100 -10.86 -2.31 11.07
N ALA B 101 -10.65 -3.55 11.49
CA ALA B 101 -10.94 -3.93 12.87
C ALA B 101 -9.66 -4.45 13.49
N TYR B 102 -9.38 -5.73 13.32
CA TYR B 102 -8.05 -6.30 13.52
C TYR B 102 -7.49 -6.58 12.14
N GLY B 103 -6.80 -5.60 11.57
CA GLY B 103 -6.49 -5.61 10.16
C GLY B 103 -7.70 -5.25 9.32
N MET B 104 -7.46 -5.05 8.03
CA MET B 104 -8.51 -4.65 7.11
C MET B 104 -9.20 -5.91 6.59
N ASP B 105 -10.36 -6.25 7.19
CA ASP B 105 -10.97 -7.54 6.90
C ASP B 105 -11.98 -7.49 5.77
N VAL B 106 -12.58 -6.33 5.49
CA VAL B 106 -13.54 -6.20 4.40
C VAL B 106 -13.04 -5.14 3.43
N TRP B 107 -13.04 -5.48 2.12
CA TRP B 107 -12.53 -4.63 1.06
C TRP B 107 -13.58 -4.49 -0.05
N GLY B 108 -13.66 -3.31 -0.63
CA GLY B 108 -14.46 -3.11 -1.83
C GLY B 108 -13.79 -3.72 -3.05
N GLN B 109 -14.50 -3.66 -4.18
CA GLN B 109 -14.00 -4.28 -5.39
C GLN B 109 -13.00 -3.40 -6.13
N GLY B 110 -12.90 -2.13 -5.78
CA GLY B 110 -12.00 -1.21 -6.43
C GLY B 110 -12.69 -0.40 -7.50
N THR B 111 -12.25 0.85 -7.65
CA THR B 111 -12.72 1.68 -8.74
C THR B 111 -11.51 2.41 -9.34
N THR B 112 -11.46 2.54 -10.65
CA THR B 112 -10.27 3.00 -11.34
C THR B 112 -10.33 4.50 -11.60
N VAL B 113 -9.26 5.20 -11.24
CA VAL B 113 -9.14 6.64 -11.43
C VAL B 113 -7.94 6.86 -12.36
N THR B 114 -8.16 7.55 -13.48
CA THR B 114 -7.08 7.87 -14.39
C THR B 114 -6.95 9.39 -14.49
N VAL B 115 -5.75 9.91 -14.25
CA VAL B 115 -5.51 11.36 -14.31
C VAL B 115 -4.52 11.61 -15.43
N SER B 116 -4.95 12.33 -16.46
CA SER B 116 -4.10 12.50 -17.63
C SER B 116 -4.55 13.69 -18.46
N SER B 117 -3.58 14.39 -19.05
CA SER B 117 -3.80 15.46 -20.02
C SER B 117 -4.20 14.93 -21.39
N ALA B 118 -3.99 13.65 -21.67
CA ALA B 118 -4.23 13.12 -23.00
C ALA B 118 -5.71 13.14 -23.33
N SER B 119 -6.01 13.25 -24.62
CA SER B 119 -7.38 13.11 -25.09
C SER B 119 -7.57 11.75 -25.73
N THR B 120 -8.82 11.29 -25.73
CA THR B 120 -9.16 10.00 -26.31
C THR B 120 -8.66 9.91 -27.75
N LYS B 121 -8.00 8.79 -28.08
CA LYS B 121 -7.35 8.63 -29.37
C LYS B 121 -7.23 7.15 -29.66
N GLY B 122 -7.63 6.73 -30.86
CA GLY B 122 -7.51 5.35 -31.25
C GLY B 122 -6.10 5.00 -31.68
N PRO B 123 -5.75 3.71 -31.64
CA PRO B 123 -4.37 3.31 -31.95
C PRO B 123 -4.06 3.31 -33.43
N SER B 124 -2.79 3.54 -33.75
CA SER B 124 -2.26 3.15 -35.05
C SER B 124 -1.74 1.73 -34.90
N VAL B 125 -1.98 0.89 -35.91
CA VAL B 125 -1.63 -0.53 -35.82
C VAL B 125 -0.61 -0.83 -36.91
N PHE B 126 0.59 -1.24 -36.50
CA PHE B 126 1.66 -1.51 -37.43
C PHE B 126 2.06 -2.98 -37.40
N PRO B 127 2.47 -3.54 -38.52
CA PRO B 127 2.86 -4.96 -38.54
C PRO B 127 4.22 -5.17 -37.93
N LEU B 128 4.35 -6.30 -37.23
CA LEU B 128 5.65 -6.84 -36.83
C LEU B 128 5.89 -8.01 -37.78
N ALA B 129 6.53 -7.73 -38.92
CA ALA B 129 6.55 -8.70 -40.01
C ALA B 129 7.56 -9.82 -39.72
N PRO B 130 7.20 -11.06 -40.06
CA PRO B 130 8.13 -12.18 -39.83
C PRO B 130 9.39 -12.04 -40.68
N SER B 131 10.53 -12.34 -40.07
CA SER B 131 11.81 -12.25 -40.75
C SER B 131 11.84 -13.15 -41.99
N SER B 132 12.69 -12.76 -42.95
CA SER B 132 12.89 -13.50 -44.18
C SER B 132 13.71 -14.76 -44.00
N LYS B 133 14.22 -15.02 -42.79
CA LYS B 133 15.06 -16.17 -42.52
C LYS B 133 14.45 -17.03 -41.42
N SER B 134 14.19 -18.29 -41.73
CA SER B 134 13.83 -19.28 -40.72
C SER B 134 15.06 -19.61 -39.89
N THR B 135 15.26 -18.87 -38.80
CA THR B 135 16.48 -18.99 -38.01
C THR B 135 16.53 -20.29 -37.23
N SER B 136 16.63 -21.42 -37.95
CA SER B 136 17.12 -22.70 -37.44
C SER B 136 16.13 -23.48 -36.56
N GLY B 137 15.06 -22.85 -36.10
CA GLY B 137 14.12 -23.56 -35.26
C GLY B 137 12.97 -24.21 -36.02
N GLY B 138 12.43 -23.50 -37.01
CA GLY B 138 11.19 -23.87 -37.65
C GLY B 138 9.99 -23.08 -37.18
N THR B 139 10.15 -22.30 -36.12
CA THR B 139 9.11 -21.44 -35.60
C THR B 139 9.37 -20.00 -36.03
N ALA B 140 8.35 -19.33 -36.55
CA ALA B 140 8.43 -17.93 -36.94
C ALA B 140 7.58 -17.09 -36.00
N ALA B 141 7.98 -15.83 -35.81
CA ALA B 141 7.24 -14.91 -34.95
C ALA B 141 6.77 -13.73 -35.78
N LEU B 142 5.53 -13.32 -35.55
CA LEU B 142 4.98 -12.15 -36.20
C LEU B 142 4.05 -11.47 -35.22
N GLY B 143 3.60 -10.26 -35.55
CA GLY B 143 2.79 -9.58 -34.56
C GLY B 143 2.27 -8.25 -35.07
N CYS B 144 1.62 -7.53 -34.14
CA CYS B 144 1.10 -6.20 -34.38
C CYS B 144 1.57 -5.28 -33.27
N LEU B 145 1.99 -4.08 -33.63
CA LEU B 145 2.32 -3.05 -32.66
C LEU B 145 1.15 -2.06 -32.62
N VAL B 146 0.56 -1.88 -31.44
CA VAL B 146 -0.67 -1.13 -31.27
C VAL B 146 -0.26 0.15 -30.54
N LYS B 147 -0.06 1.23 -31.29
CA LYS B 147 0.70 2.37 -30.80
C LYS B 147 -0.18 3.60 -30.62
N ASP B 148 0.08 4.33 -29.55
CA ASP B 148 -0.41 5.72 -29.36
C ASP B 148 -1.92 5.77 -29.23
N TYR B 149 -2.47 5.09 -28.23
CA TYR B 149 -3.89 5.18 -27.94
C TYR B 149 -4.12 5.67 -26.52
N PHE B 150 -5.35 6.13 -26.26
CA PHE B 150 -5.73 6.58 -24.93
C PHE B 150 -7.24 6.62 -24.85
N PRO B 151 -7.86 6.20 -23.72
CA PRO B 151 -7.21 5.56 -22.56
C PRO B 151 -7.16 4.05 -22.76
N GLU B 152 -6.71 3.33 -21.73
CA GLU B 152 -6.86 1.88 -21.72
C GLU B 152 -8.35 1.54 -21.68
N PRO B 153 -8.74 0.33 -22.14
CA PRO B 153 -7.90 -0.74 -22.71
C PRO B 153 -8.07 -0.94 -24.21
N VAL B 154 -7.20 -1.74 -24.82
CA VAL B 154 -7.42 -2.29 -26.15
C VAL B 154 -7.52 -3.80 -26.01
N THR B 155 -8.24 -4.42 -26.93
CA THR B 155 -8.26 -5.86 -27.05
C THR B 155 -7.69 -6.26 -28.40
N VAL B 156 -6.96 -7.36 -28.43
CA VAL B 156 -6.38 -7.88 -29.66
C VAL B 156 -6.76 -9.35 -29.77
N SER B 157 -7.26 -9.74 -30.93
CA SER B 157 -7.39 -11.16 -31.25
C SER B 157 -6.66 -11.40 -32.57
N TRP B 158 -6.51 -12.67 -32.93
CA TRP B 158 -5.86 -13.04 -34.18
C TRP B 158 -6.82 -13.90 -34.99
N ASN B 159 -6.92 -13.59 -36.29
CA ASN B 159 -7.80 -14.30 -37.23
C ASN B 159 -9.21 -14.45 -36.65
N SER B 160 -9.71 -13.33 -36.11
CA SER B 160 -11.06 -13.25 -35.53
C SER B 160 -11.28 -14.27 -34.42
N GLY B 161 -10.23 -14.57 -33.66
CA GLY B 161 -10.32 -15.51 -32.55
C GLY B 161 -10.04 -16.95 -32.89
N ALA B 162 -9.84 -17.27 -34.17
CA ALA B 162 -9.55 -18.65 -34.55
C ALA B 162 -8.12 -19.05 -34.23
N LEU B 163 -7.23 -18.09 -34.00
CA LEU B 163 -5.83 -18.37 -33.69
C LEU B 163 -5.58 -17.90 -32.26
N THR B 164 -5.32 -18.85 -31.36
CA THR B 164 -5.08 -18.51 -29.97
C THR B 164 -3.79 -19.14 -29.46
N SER B 165 -3.46 -20.32 -29.98
CA SER B 165 -2.24 -21.01 -29.58
C SER B 165 -1.00 -20.19 -29.96
N GLY B 166 -0.11 -19.99 -28.99
CA GLY B 166 1.13 -19.28 -29.23
C GLY B 166 1.01 -17.76 -29.26
N VAL B 167 -0.16 -17.20 -28.93
CA VAL B 167 -0.34 -15.76 -28.91
C VAL B 167 0.14 -15.21 -27.57
N HIS B 168 0.86 -14.09 -27.60
CA HIS B 168 1.15 -13.33 -26.38
C HIS B 168 0.78 -11.88 -26.63
N THR B 169 -0.17 -11.35 -25.87
CA THR B 169 -0.48 -9.93 -25.91
C THR B 169 0.07 -9.30 -24.64
N PHE B 170 0.99 -8.35 -24.79
CA PHE B 170 1.76 -7.84 -23.66
C PHE B 170 1.02 -6.74 -22.95
N PRO B 171 1.34 -6.50 -21.67
CA PRO B 171 0.77 -5.33 -20.99
C PRO B 171 1.18 -4.07 -21.72
N ALA B 172 0.28 -3.10 -21.79
CA ALA B 172 0.61 -1.82 -22.39
C ALA B 172 1.64 -1.07 -21.55
N VAL B 173 2.45 -0.25 -22.20
CA VAL B 173 3.31 0.70 -21.50
C VAL B 173 2.76 2.09 -21.73
N LEU B 174 2.97 2.96 -20.74
CA LEU B 174 2.60 4.36 -20.82
C LEU B 174 3.81 5.13 -21.32
N GLN B 175 3.72 5.70 -22.50
CA GLN B 175 4.86 6.42 -23.05
C GLN B 175 4.90 7.83 -22.45
N SER B 176 6.05 8.51 -22.64
CA SER B 176 6.20 9.85 -22.08
C SER B 176 5.26 10.85 -22.72
N SER B 177 4.75 10.55 -23.93
CA SER B 177 3.72 11.34 -24.58
C SER B 177 2.38 11.30 -23.86
N GLY B 178 2.19 10.40 -22.91
CA GLY B 178 0.91 10.22 -22.27
C GLY B 178 0.01 9.23 -22.98
N LEU B 179 0.45 8.66 -24.10
CA LEU B 179 -0.32 7.67 -24.82
C LEU B 179 0.25 6.28 -24.54
N TYR B 180 -0.61 5.27 -24.66
CA TYR B 180 -0.23 3.88 -24.41
C TYR B 180 0.23 3.19 -25.69
N SER B 181 0.99 2.10 -25.51
CA SER B 181 1.40 1.33 -26.66
C SER B 181 1.54 -0.11 -26.19
N LEU B 182 1.18 -1.05 -27.05
CA LEU B 182 1.13 -2.46 -26.69
C LEU B 182 1.56 -3.24 -27.92
N SER B 183 2.11 -4.43 -27.71
CA SER B 183 2.42 -5.33 -28.80
CA SER B 183 2.41 -5.33 -28.80
C SER B 183 1.71 -6.66 -28.56
N SER B 184 1.34 -7.32 -29.66
CA SER B 184 0.77 -8.66 -29.62
C SER B 184 1.51 -9.50 -30.64
N VAL B 185 2.02 -10.66 -30.22
CA VAL B 185 2.80 -11.51 -31.11
C VAL B 185 2.17 -12.91 -31.12
N VAL B 186 2.53 -13.67 -32.15
CA VAL B 186 2.18 -15.08 -32.21
C VAL B 186 3.34 -15.80 -32.88
N THR B 187 3.62 -17.01 -32.42
CA THR B 187 4.60 -17.87 -33.09
C THR B 187 3.86 -18.98 -33.81
N VAL B 188 4.32 -19.27 -35.04
CA VAL B 188 3.65 -20.19 -35.95
C VAL B 188 4.74 -21.01 -36.63
N PRO B 189 4.41 -22.13 -37.26
CA PRO B 189 5.41 -22.84 -38.07
C PRO B 189 5.84 -21.97 -39.24
N SER B 190 7.16 -21.96 -39.50
CA SER B 190 7.65 -21.15 -40.62
C SER B 190 7.04 -21.59 -41.94
N SER B 191 6.75 -22.89 -42.07
CA SER B 191 6.12 -23.40 -43.29
C SER B 191 4.70 -22.87 -43.48
N SER B 192 4.11 -22.25 -42.46
CA SER B 192 2.77 -21.66 -42.54
C SER B 192 2.77 -20.26 -43.13
N LEU B 193 3.93 -19.58 -43.17
CA LEU B 193 3.95 -18.19 -43.62
C LEU B 193 3.47 -18.04 -45.05
N GLY B 194 3.69 -19.05 -45.89
CA GLY B 194 3.21 -19.01 -47.25
C GLY B 194 1.82 -19.54 -47.48
N THR B 195 1.21 -20.18 -46.48
CA THR B 195 -0.07 -20.84 -46.68
C THR B 195 -1.20 -20.28 -45.83
N GLN B 196 -0.91 -19.57 -44.75
CA GLN B 196 -1.94 -19.10 -43.84
C GLN B 196 -1.89 -17.58 -43.75
N THR B 197 -3.05 -16.95 -43.80
CA THR B 197 -3.14 -15.51 -43.58
C THR B 197 -3.24 -15.21 -42.08
N TYR B 198 -2.53 -14.17 -41.65
CA TYR B 198 -2.51 -13.76 -40.25
C TYR B 198 -2.99 -12.31 -40.15
N ILE B 199 -4.10 -12.11 -39.43
CA ILE B 199 -4.71 -10.80 -39.25
C ILE B 199 -4.90 -10.57 -37.76
N CYS B 200 -4.40 -9.44 -37.27
CA CYS B 200 -4.67 -9.05 -35.89
C CYS B 200 -5.84 -8.07 -35.87
N ASN B 201 -6.79 -8.32 -34.97
CA ASN B 201 -8.02 -7.55 -34.87
C ASN B 201 -7.91 -6.73 -33.60
N VAL B 202 -7.80 -5.42 -33.74
CA VAL B 202 -7.59 -4.52 -32.62
C VAL B 202 -8.87 -3.75 -32.39
N ASN B 203 -9.34 -3.75 -31.14
CA ASN B 203 -10.56 -3.04 -30.78
C ASN B 203 -10.24 -2.09 -29.64
N HIS B 204 -10.59 -0.82 -29.82
CA HIS B 204 -10.42 0.21 -28.80
C HIS B 204 -11.81 0.82 -28.59
N LYS B 205 -12.53 0.32 -27.60
CA LYS B 205 -13.90 0.76 -27.40
C LYS B 205 -14.03 2.22 -26.97
N PRO B 206 -13.10 2.80 -26.21
CA PRO B 206 -13.26 4.22 -25.86
C PRO B 206 -13.27 5.16 -27.05
N SER B 207 -12.59 4.83 -28.16
CA SER B 207 -12.66 5.66 -29.35
C SER B 207 -13.58 5.07 -30.43
N ASN B 208 -14.25 3.97 -30.13
CA ASN B 208 -15.04 3.24 -31.12
C ASN B 208 -14.23 2.95 -32.39
N THR B 209 -12.99 2.51 -32.18
CA THR B 209 -12.08 2.20 -33.27
C THR B 209 -11.85 0.70 -33.33
N LYS B 210 -11.97 0.13 -34.54
CA LYS B 210 -11.62 -1.27 -34.77
C LYS B 210 -10.75 -1.33 -36.02
N VAL B 211 -9.63 -2.04 -35.92
CA VAL B 211 -8.65 -2.15 -37.00
C VAL B 211 -8.31 -3.62 -37.18
N ASP B 212 -8.34 -4.09 -38.43
CA ASP B 212 -7.81 -5.39 -38.79
C ASP B 212 -6.55 -5.14 -39.62
N LYS B 213 -5.43 -5.70 -39.18
CA LYS B 213 -4.16 -5.52 -39.90
C LYS B 213 -3.66 -6.89 -40.35
N ARG B 214 -3.52 -7.06 -41.67
CA ARG B 214 -2.87 -8.26 -42.17
C ARG B 214 -1.37 -8.14 -42.01
N VAL B 215 -0.74 -9.21 -41.53
CA VAL B 215 0.69 -9.22 -41.29
C VAL B 215 1.30 -10.28 -42.19
N GLU B 216 2.17 -9.86 -43.09
CA GLU B 216 2.76 -10.76 -44.06
C GLU B 216 4.26 -10.56 -44.14
N PRO B 217 5.01 -11.55 -44.65
CA PRO B 217 6.44 -11.35 -44.89
C PRO B 217 6.68 -10.26 -45.92
N LYS B 218 7.78 -9.54 -45.76
CA LYS B 218 8.15 -8.50 -46.70
C LYS B 218 9.05 -9.07 -47.81
N SER B 219 9.16 -8.30 -48.89
CA SER B 219 10.00 -8.57 -50.07
C SER B 219 10.63 -9.97 -50.17
N ASP C 2 12.90 8.92 12.93
CA ASP C 2 12.86 8.40 11.58
C ASP C 2 11.74 7.38 11.42
N ASP C 3 11.03 7.45 10.29
CA ASP C 3 9.93 6.54 10.03
C ASP C 3 10.41 5.10 9.95
N ILE C 4 9.56 4.19 10.41
CA ILE C 4 9.85 2.77 10.29
C ILE C 4 9.59 2.32 8.86
N VAL C 5 10.52 1.55 8.30
CA VAL C 5 10.42 1.02 6.95
C VAL C 5 10.16 -0.48 7.03
N MET C 6 9.19 -0.95 6.24
CA MET C 6 8.90 -2.38 6.14
C MET C 6 9.51 -2.92 4.86
N THR C 7 10.45 -3.85 4.97
CA THR C 7 11.11 -4.44 3.81
C THR C 7 10.70 -5.90 3.70
N GLN C 8 10.06 -6.25 2.60
CA GLN C 8 9.70 -7.63 2.31
C GLN C 8 10.73 -8.26 1.40
N SER C 9 11.04 -9.53 1.67
CA SER C 9 11.94 -10.30 0.82
C SER C 9 11.41 -11.74 0.75
N PRO C 10 11.59 -12.39 -0.40
CA PRO C 10 12.13 -11.78 -1.62
C PRO C 10 11.02 -11.09 -2.39
N SER C 11 11.37 -10.33 -3.44
CA SER C 11 10.32 -9.70 -4.23
C SER C 11 9.62 -10.69 -5.14
N PHE C 12 10.32 -11.71 -5.61
CA PHE C 12 9.75 -12.80 -6.40
C PHE C 12 10.24 -14.11 -5.81
N LEU C 13 9.34 -15.08 -5.74
CA LEU C 13 9.66 -16.40 -5.20
C LEU C 13 8.95 -17.44 -6.05
N SER C 14 9.68 -18.49 -6.43
CA SER C 14 9.08 -19.57 -7.19
C SER C 14 9.03 -20.81 -6.31
N ALA C 15 7.94 -21.55 -6.39
CA ALA C 15 7.78 -22.76 -5.59
C ALA C 15 6.85 -23.72 -6.31
N SER C 16 6.80 -24.94 -5.81
CA SER C 16 5.97 -25.99 -6.37
C SER C 16 4.80 -26.30 -5.45
N VAL C 17 3.68 -26.72 -6.04
CA VAL C 17 2.59 -27.28 -5.26
C VAL C 17 3.13 -28.33 -4.30
N GLY C 18 2.74 -28.25 -3.02
CA GLY C 18 3.22 -29.14 -2.00
C GLY C 18 4.40 -28.61 -1.21
N ASP C 19 5.09 -27.59 -1.70
CA ASP C 19 6.24 -27.03 -1.01
C ASP C 19 5.83 -26.30 0.26
N ARG C 20 6.75 -26.21 1.21
CA ARG C 20 6.65 -25.29 2.33
C ARG C 20 7.30 -23.98 1.91
N VAL C 21 6.56 -22.88 2.03
CA VAL C 21 7.01 -21.58 1.54
C VAL C 21 7.08 -20.61 2.71
N THR C 22 8.13 -19.77 2.73
CA THR C 22 8.31 -18.75 3.76
C THR C 22 8.56 -17.39 3.11
N ILE C 23 7.79 -16.39 3.54
CA ILE C 23 7.90 -15.01 3.09
C ILE C 23 8.23 -14.15 4.29
N THR C 24 9.14 -13.19 4.14
CA THR C 24 9.68 -12.45 5.28
C THR C 24 9.38 -10.96 5.14
N CYS C 25 9.16 -10.32 6.27
CA CYS C 25 8.94 -8.89 6.38
C CYS C 25 9.84 -8.42 7.53
N ARG C 26 10.70 -7.44 7.26
CA ARG C 26 11.60 -6.89 8.28
C ARG C 26 11.24 -5.44 8.57
N ALA C 27 11.09 -5.11 9.84
CA ALA C 27 10.83 -3.73 10.25
C ALA C 27 12.14 -3.06 10.64
N SER C 28 12.31 -1.79 10.25
CA SER C 28 13.57 -1.10 10.54
C SER C 28 13.78 -0.85 12.03
N GLN C 29 12.72 -0.89 12.83
CA GLN C 29 12.82 -0.82 14.30
C GLN C 29 11.82 -1.80 14.88
N GLY C 30 11.96 -2.10 16.17
CA GLY C 30 11.05 -3.04 16.82
C GLY C 30 9.61 -2.57 16.85
N ILE C 31 8.68 -3.41 16.40
CA ILE C 31 7.26 -3.08 16.38
C ILE C 31 6.39 -4.14 17.08
N SER C 32 7.01 -4.99 17.90
CA SER C 32 6.28 -6.02 18.68
C SER C 32 5.50 -6.91 17.72
N SER C 33 4.17 -7.06 17.86
CA SER C 33 3.38 -7.92 16.99
C SER C 33 2.36 -7.12 16.18
N TYR C 34 2.69 -5.85 15.89
CA TYR C 34 1.81 -4.95 15.15
C TYR C 34 1.95 -5.19 13.64
N LEU C 35 1.41 -6.32 13.18
CA LEU C 35 1.61 -6.67 11.77
C LEU C 35 0.47 -7.53 11.23
N ALA C 36 0.08 -7.26 9.97
CA ALA C 36 -0.91 -8.05 9.26
C ALA C 36 -0.35 -8.50 7.92
N TRP C 37 -0.88 -9.61 7.41
CA TRP C 37 -0.51 -10.15 6.10
C TRP C 37 -1.74 -10.22 5.21
N TYR C 38 -1.57 -9.89 3.93
CA TYR C 38 -2.65 -9.93 2.94
C TYR C 38 -2.19 -10.73 1.73
N GLN C 39 -3.16 -11.32 1.03
CA GLN C 39 -2.97 -11.98 -0.25
C GLN C 39 -3.73 -11.19 -1.31
N GLN C 40 -3.14 -11.06 -2.50
CA GLN C 40 -3.87 -10.37 -3.56
C GLN C 40 -3.58 -11.06 -4.90
N LYS C 41 -4.63 -11.34 -5.62
CA LYS C 41 -4.54 -11.89 -6.96
C LYS C 41 -4.86 -10.83 -8.00
N PRO C 42 -4.36 -11.00 -9.23
CA PRO C 42 -4.50 -9.94 -10.24
C PRO C 42 -5.94 -9.53 -10.45
N GLY C 43 -6.16 -8.21 -10.48
CA GLY C 43 -7.50 -7.69 -10.68
C GLY C 43 -8.47 -7.84 -9.52
N LYS C 44 -8.00 -8.28 -8.37
CA LYS C 44 -8.88 -8.49 -7.23
C LYS C 44 -8.39 -7.68 -6.03
N ALA C 45 -9.30 -7.47 -5.08
CA ALA C 45 -8.94 -6.79 -3.84
C ALA C 45 -8.07 -7.69 -2.97
N PRO C 46 -7.20 -7.09 -2.15
CA PRO C 46 -6.46 -7.89 -1.15
C PRO C 46 -7.42 -8.60 -0.21
N LYS C 47 -6.94 -9.70 0.35
CA LYS C 47 -7.67 -10.46 1.36
C LYS C 47 -6.80 -10.59 2.61
N LEU C 48 -7.39 -10.33 3.77
CA LEU C 48 -6.65 -10.46 5.03
C LEU C 48 -6.41 -11.93 5.37
N LEU C 49 -5.15 -12.28 5.65
CA LEU C 49 -4.77 -13.63 6.09
C LEU C 49 -4.48 -13.72 7.58
N ILE C 50 -3.66 -12.81 8.09
CA ILE C 50 -3.11 -12.89 9.44
C ILE C 50 -3.18 -11.49 10.05
N TYR C 51 -3.46 -11.41 11.35
CA TYR C 51 -3.31 -10.15 12.07
C TYR C 51 -2.66 -10.43 13.41
N ALA C 52 -2.20 -9.35 14.05
CA ALA C 52 -1.41 -9.44 15.30
C ALA C 52 -0.24 -10.42 15.11
N ALA C 53 0.31 -10.42 13.90
CA ALA C 53 1.51 -11.17 13.49
C ALA C 53 1.28 -12.67 13.36
N SER C 54 0.40 -13.24 14.17
CA SER C 54 0.27 -14.69 14.17
C SER C 54 -1.16 -15.19 14.30
N THR C 55 -2.15 -14.31 14.37
CA THR C 55 -3.53 -14.75 14.52
C THR C 55 -4.15 -14.95 13.14
N LEU C 56 -4.59 -16.18 12.89
CA LEU C 56 -5.19 -16.52 11.61
C LEU C 56 -6.58 -15.89 11.49
N GLN C 57 -6.81 -15.18 10.39
CA GLN C 57 -8.10 -14.58 10.12
C GLN C 57 -9.15 -15.65 9.88
N SER C 58 -10.38 -15.36 10.31
CA SER C 58 -11.49 -16.30 10.19
C SER C 58 -11.63 -16.77 8.75
N GLY C 59 -11.81 -18.08 8.57
CA GLY C 59 -12.04 -18.64 7.25
C GLY C 59 -10.81 -18.92 6.43
N VAL C 60 -9.63 -18.47 6.85
CA VAL C 60 -8.41 -18.68 6.07
C VAL C 60 -7.87 -20.09 6.39
N PRO C 61 -7.47 -20.85 5.38
CA PRO C 61 -7.00 -22.24 5.63
C PRO C 61 -5.83 -22.30 6.59
N SER C 62 -5.81 -23.38 7.38
CA SER C 62 -4.81 -23.57 8.42
C SER C 62 -3.39 -23.76 7.88
N ARG C 63 -3.21 -23.91 6.56
CA ARG C 63 -1.84 -24.03 6.07
C ARG C 63 -1.11 -22.70 6.12
N PHE C 64 -1.82 -21.59 6.32
CA PHE C 64 -1.19 -20.29 6.50
C PHE C 64 -0.91 -20.06 7.98
N SER C 65 0.30 -19.60 8.29
CA SER C 65 0.63 -19.24 9.66
C SER C 65 1.56 -18.04 9.63
N GLY C 66 1.46 -17.20 10.65
CA GLY C 66 2.35 -16.08 10.81
C GLY C 66 3.17 -16.26 12.07
N SER C 67 4.39 -15.74 12.06
CA SER C 67 5.23 -15.80 13.25
C SER C 67 6.15 -14.59 13.26
N GLY C 68 6.78 -14.38 14.42
CA GLY C 68 7.71 -13.28 14.54
C GLY C 68 7.26 -12.26 15.57
N SER C 69 8.22 -11.50 16.09
CA SER C 69 7.94 -10.40 17.00
C SER C 69 9.19 -9.53 17.10
N GLY C 70 9.03 -8.22 16.99
CA GLY C 70 10.18 -7.33 17.03
C GLY C 70 10.47 -6.76 15.65
N THR C 71 11.46 -7.30 14.97
CA THR C 71 11.83 -6.77 13.66
C THR C 71 11.74 -7.77 12.52
N GLU C 72 11.55 -9.05 12.81
CA GLU C 72 11.51 -10.05 11.74
C GLU C 72 10.22 -10.85 11.85
N PHE C 73 9.44 -10.84 10.77
CA PHE C 73 8.15 -11.51 10.72
C PHE C 73 8.13 -12.43 9.51
N THR C 74 7.41 -13.54 9.63
CA THR C 74 7.36 -14.50 8.55
C THR C 74 5.94 -15.01 8.36
N LEU C 75 5.56 -15.15 7.09
CA LEU C 75 4.36 -15.86 6.69
C LEU C 75 4.79 -17.19 6.11
N THR C 76 4.24 -18.28 6.64
CA THR C 76 4.57 -19.62 6.17
C THR C 76 3.33 -20.29 5.61
N ILE C 77 3.46 -20.85 4.41
CA ILE C 77 2.45 -21.74 3.84
C ILE C 77 3.03 -23.15 3.90
N SER C 78 2.38 -24.03 4.68
CA SER C 78 3.03 -25.30 5.01
C SER C 78 3.05 -26.26 3.84
N SER C 79 2.03 -26.24 2.99
CA SER C 79 2.01 -27.12 1.83
C SER C 79 1.25 -26.39 0.72
N LEU C 80 1.99 -25.80 -0.21
CA LEU C 80 1.41 -24.87 -1.16
C LEU C 80 0.37 -25.56 -2.04
N GLN C 81 -0.71 -24.84 -2.33
CA GLN C 81 -1.79 -25.29 -3.18
C GLN C 81 -1.88 -24.39 -4.41
N PRO C 82 -2.47 -24.88 -5.52
CA PRO C 82 -2.49 -24.06 -6.74
C PRO C 82 -3.12 -22.71 -6.55
N GLU C 83 -4.13 -22.60 -5.70
CA GLU C 83 -4.79 -21.31 -5.49
C GLU C 83 -3.96 -20.34 -4.68
N ASP C 84 -2.78 -20.74 -4.21
CA ASP C 84 -1.94 -19.88 -3.37
C ASP C 84 -0.94 -19.04 -4.16
N PHE C 85 -0.77 -19.27 -5.45
CA PHE C 85 0.10 -18.40 -6.22
C PHE C 85 -0.57 -17.06 -6.37
N ALA C 86 0.11 -16.00 -5.94
CA ALA C 86 -0.48 -14.69 -5.70
C ALA C 86 0.60 -13.76 -5.18
N THR C 87 0.26 -12.51 -4.92
CA THR C 87 1.17 -11.59 -4.27
C THR C 87 0.75 -11.44 -2.82
N TYR C 88 1.74 -11.33 -1.93
CA TYR C 88 1.51 -11.21 -0.49
C TYR C 88 2.13 -9.91 0.00
N TYR C 89 1.41 -9.22 0.89
CA TYR C 89 1.85 -7.94 1.45
C TYR C 89 1.78 -8.00 2.97
N CYS C 90 2.80 -7.50 3.65
CA CYS C 90 2.68 -7.25 5.09
C CYS C 90 2.28 -5.80 5.30
N GLN C 91 1.72 -5.53 6.47
CA GLN C 91 1.26 -4.18 6.79
C GLN C 91 1.55 -3.91 8.26
N GLN C 92 2.20 -2.78 8.55
CA GLN C 92 2.49 -2.38 9.92
C GLN C 92 1.24 -1.74 10.51
N LEU C 93 0.83 -2.21 11.68
CA LEU C 93 -0.37 -1.75 12.33
C LEU C 93 -0.03 -0.72 13.39
N ASN C 94 -0.88 0.29 13.51
CA ASN C 94 -0.69 1.40 14.43
C ASN C 94 0.69 2.05 14.24
N SER C 95 1.07 2.24 12.99
CA SER C 95 2.34 2.84 12.63
C SER C 95 2.20 4.35 12.49
N TYR C 96 3.35 5.03 12.50
CA TYR C 96 3.43 6.48 12.38
C TYR C 96 4.53 6.77 11.38
N PRO C 97 4.19 7.06 10.11
CA PRO C 97 2.85 7.30 9.56
C PRO C 97 1.99 6.02 9.44
N PRO C 98 0.67 6.20 9.34
CA PRO C 98 -0.23 5.06 9.46
C PRO C 98 -0.15 4.09 8.28
N TYR C 99 -0.43 2.81 8.59
CA TYR C 99 -0.71 1.76 7.62
C TYR C 99 0.39 1.62 6.56
N THR C 100 1.64 1.58 7.01
CA THR C 100 2.75 1.31 6.10
C THR C 100 2.67 -0.14 5.59
N PHE C 101 2.78 -0.33 4.28
CA PHE C 101 2.80 -1.65 3.66
C PHE C 101 4.21 -2.04 3.25
N GLY C 102 4.50 -3.34 3.30
CA GLY C 102 5.63 -3.85 2.57
C GLY C 102 5.40 -3.78 1.07
N GLN C 103 6.48 -3.91 0.30
CA GLN C 103 6.34 -3.76 -1.16
C GLN C 103 5.86 -5.02 -1.86
N GLY C 104 5.68 -6.12 -1.16
CA GLY C 104 5.01 -7.26 -1.75
C GLY C 104 5.97 -8.34 -2.19
N THR C 105 5.50 -9.59 -2.11
CA THR C 105 6.24 -10.76 -2.60
C THR C 105 5.33 -11.50 -3.55
N LYS C 106 5.76 -11.69 -4.79
CA LYS C 106 4.97 -12.41 -5.77
C LYS C 106 5.43 -13.87 -5.80
N LEU C 107 4.51 -14.77 -5.51
CA LEU C 107 4.78 -16.20 -5.46
C LEU C 107 4.37 -16.81 -6.80
N GLU C 108 5.32 -17.43 -7.50
CA GLU C 108 5.11 -17.95 -8.84
C GLU C 108 5.46 -19.43 -8.91
N ILE C 109 5.12 -20.05 -10.04
CA ILE C 109 5.26 -21.49 -10.21
C ILE C 109 6.68 -21.81 -10.68
N LYS C 110 7.35 -22.72 -9.97
CA LYS C 110 8.68 -23.16 -10.33
C LYS C 110 8.61 -24.13 -11.50
N ARG C 111 9.56 -24.03 -12.41
CA ARG C 111 9.76 -25.03 -13.46
C ARG C 111 11.23 -25.03 -13.84
N THR C 112 11.60 -25.91 -14.77
CA THR C 112 13.00 -25.94 -15.17
C THR C 112 13.34 -24.75 -16.07
N VAL C 113 14.64 -24.43 -16.10
CA VAL C 113 15.13 -23.30 -16.87
C VAL C 113 14.83 -23.52 -18.35
N ALA C 114 14.40 -22.45 -19.03
CA ALA C 114 14.10 -22.50 -20.46
C ALA C 114 14.61 -21.23 -21.12
N ALA C 115 15.50 -21.37 -22.11
CA ALA C 115 16.06 -20.19 -22.77
C ALA C 115 15.02 -19.54 -23.69
N PRO C 116 15.06 -18.21 -23.81
CA PRO C 116 14.13 -17.55 -24.75
C PRO C 116 14.56 -17.76 -26.18
N SER C 117 13.55 -17.83 -27.07
CA SER C 117 13.76 -17.59 -28.48
C SER C 117 13.64 -16.10 -28.71
N VAL C 118 14.60 -15.52 -29.43
CA VAL C 118 14.73 -14.08 -29.57
C VAL C 118 14.43 -13.70 -31.01
N PHE C 119 13.65 -12.63 -31.19
CA PHE C 119 13.27 -12.12 -32.51
C PHE C 119 13.38 -10.60 -32.50
N ILE C 120 13.87 -10.01 -33.60
CA ILE C 120 13.95 -8.55 -33.72
C ILE C 120 13.10 -8.10 -34.90
N PHE C 121 12.40 -6.98 -34.75
CA PHE C 121 11.50 -6.48 -35.78
C PHE C 121 11.89 -5.05 -36.14
N PRO C 122 12.22 -4.76 -37.39
CA PRO C 122 12.45 -3.38 -37.80
C PRO C 122 11.15 -2.59 -37.78
N PRO C 123 11.23 -1.27 -37.75
CA PRO C 123 10.02 -0.47 -37.91
C PRO C 123 9.40 -0.72 -39.29
N SER C 124 8.07 -0.66 -39.33
CA SER C 124 7.36 -0.80 -40.59
C SER C 124 7.53 0.46 -41.45
N ASP C 125 7.47 0.28 -42.77
CA ASP C 125 7.51 1.44 -43.65
C ASP C 125 6.35 2.39 -43.36
N GLU C 126 5.18 1.84 -43.01
CA GLU C 126 4.02 2.68 -42.71
C GLU C 126 4.29 3.60 -41.52
N GLN C 127 4.89 3.06 -40.45
CA GLN C 127 5.20 3.91 -39.31
C GLN C 127 6.24 4.97 -39.67
N LEU C 128 7.26 4.59 -40.46
CA LEU C 128 8.33 5.53 -40.80
C LEU C 128 7.79 6.76 -41.52
N LYS C 129 6.78 6.57 -42.39
CA LYS C 129 6.10 7.70 -43.01
C LYS C 129 5.62 8.71 -41.98
N SER C 130 5.32 8.26 -40.76
CA SER C 130 4.79 9.12 -39.71
C SER C 130 5.87 9.92 -39.00
N GLY C 131 7.14 9.57 -39.16
CA GLY C 131 8.22 10.31 -38.52
C GLY C 131 8.83 9.65 -37.29
N THR C 132 8.38 8.46 -36.90
CA THR C 132 8.90 7.77 -35.74
C THR C 132 9.24 6.33 -36.12
N ALA C 133 10.25 5.77 -35.46
CA ALA C 133 10.64 4.38 -35.67
C ALA C 133 10.59 3.64 -34.34
N SER C 134 9.82 2.55 -34.28
CA SER C 134 9.83 1.64 -33.14
C SER C 134 10.45 0.32 -33.57
N VAL C 135 11.51 -0.07 -32.87
CA VAL C 135 12.17 -1.35 -33.08
C VAL C 135 11.77 -2.25 -31.93
N VAL C 136 11.41 -3.49 -32.24
CA VAL C 136 10.83 -4.37 -31.23
C VAL C 136 11.68 -5.62 -31.11
N CYS C 137 11.98 -6.00 -29.88
CA CYS C 137 12.71 -7.22 -29.58
C CYS C 137 11.80 -8.11 -28.76
N LEU C 138 11.65 -9.36 -29.19
CA LEU C 138 10.74 -10.31 -28.55
C LEU C 138 11.55 -11.44 -27.95
N LEU C 139 11.34 -11.72 -26.65
CA LEU C 139 11.92 -12.85 -25.95
C LEU C 139 10.76 -13.79 -25.62
N ASN C 140 10.73 -14.95 -26.24
CA ASN C 140 9.54 -15.78 -26.19
C ASN C 140 9.76 -17.03 -25.35
N ASN C 141 8.85 -17.28 -24.40
CA ASN C 141 8.71 -18.55 -23.67
C ASN C 141 9.99 -18.95 -22.93
N PHE C 142 10.36 -18.13 -21.94
CA PHE C 142 11.56 -18.39 -21.18
C PHE C 142 11.25 -18.53 -19.68
N TYR C 143 12.21 -19.09 -18.95
CA TYR C 143 12.09 -19.23 -17.51
C TYR C 143 13.49 -19.34 -16.94
N PRO C 144 13.81 -18.65 -15.85
CA PRO C 144 12.96 -17.82 -14.99
C PRO C 144 12.75 -16.40 -15.54
N ARG C 145 12.07 -15.54 -14.78
CA ARG C 145 11.65 -14.26 -15.35
C ARG C 145 12.80 -13.30 -15.55
N GLU C 146 13.93 -13.49 -14.85
CA GLU C 146 15.06 -12.58 -14.92
C GLU C 146 15.68 -12.62 -16.31
N ALA C 147 15.62 -11.50 -17.03
CA ALA C 147 16.23 -11.41 -18.36
C ALA C 147 16.63 -9.97 -18.59
N LYS C 148 17.71 -9.79 -19.35
CA LYS C 148 18.23 -8.47 -19.66
C LYS C 148 18.29 -8.28 -21.17
N VAL C 149 17.68 -7.20 -21.64
CA VAL C 149 17.72 -6.80 -23.05
C VAL C 149 18.62 -5.58 -23.15
N GLN C 150 19.63 -5.65 -24.00
CA GLN C 150 20.54 -4.53 -24.23
C GLN C 150 20.40 -4.14 -25.69
N TRP C 151 19.83 -2.96 -25.95
CA TRP C 151 19.78 -2.43 -27.32
C TRP C 151 21.12 -1.85 -27.72
N LYS C 152 21.49 -2.06 -28.97
CA LYS C 152 22.72 -1.51 -29.53
C LYS C 152 22.41 -0.93 -30.91
N VAL C 153 22.92 0.26 -31.16
CA VAL C 153 22.77 0.94 -32.44
C VAL C 153 24.17 1.28 -32.93
N ASP C 154 24.59 0.65 -34.03
CA ASP C 154 25.98 0.75 -34.50
C ASP C 154 26.96 0.48 -33.36
N ASN C 155 26.60 -0.49 -32.53
CA ASN C 155 27.36 -0.99 -31.39
C ASN C 155 27.47 0.01 -30.25
N ALA C 156 26.70 1.09 -30.28
CA ALA C 156 26.56 1.95 -29.10
C ALA C 156 25.43 1.43 -28.23
N LEU C 157 25.72 1.17 -26.96
CA LEU C 157 24.72 0.64 -26.04
C LEU C 157 23.70 1.73 -25.72
N GLN C 158 22.42 1.45 -25.94
CA GLN C 158 21.34 2.43 -25.78
C GLN C 158 20.79 2.43 -24.37
N SER C 159 20.65 3.60 -23.79
CA SER C 159 20.01 3.74 -22.49
C SER C 159 19.06 4.92 -22.54
N GLY C 160 17.87 4.74 -21.97
CA GLY C 160 16.92 5.82 -21.85
C GLY C 160 15.90 5.94 -22.97
N ASN C 161 15.96 5.11 -24.01
CA ASN C 161 15.01 5.22 -25.11
C ASN C 161 14.29 3.90 -25.39
N SER C 162 14.12 3.06 -24.38
CA SER C 162 13.38 1.82 -24.55
C SER C 162 12.44 1.61 -23.38
N GLN C 163 11.40 0.83 -23.63
CA GLN C 163 10.45 0.40 -22.62
C GLN C 163 10.16 -1.08 -22.85
N GLU C 164 9.90 -1.81 -21.78
CA GLU C 164 9.62 -3.23 -21.94
C GLU C 164 8.45 -3.65 -21.06
N SER C 165 7.91 -4.82 -21.38
CA SER C 165 6.72 -5.34 -20.72
C SER C 165 6.81 -6.87 -20.75
N VAL C 166 6.29 -7.53 -19.70
CA VAL C 166 6.44 -8.98 -19.52
CA VAL C 166 6.43 -8.98 -19.56
C VAL C 166 5.07 -9.59 -19.28
N THR C 167 4.81 -10.75 -19.88
CA THR C 167 3.54 -11.40 -19.61
C THR C 167 3.57 -12.09 -18.25
N GLU C 168 2.38 -12.47 -17.78
CA GLU C 168 2.27 -13.35 -16.64
C GLU C 168 2.63 -14.77 -17.08
N GLN C 169 2.90 -15.64 -16.11
CA GLN C 169 3.28 -17.02 -16.44
C GLN C 169 2.23 -17.69 -17.31
N ASP C 170 2.67 -18.32 -18.39
CA ASP C 170 1.75 -19.02 -19.28
C ASP C 170 1.02 -20.13 -18.54
N SER C 171 -0.28 -20.27 -18.84
CA SER C 171 -1.10 -21.20 -18.07
C SER C 171 -0.77 -22.66 -18.36
N LYS C 172 -0.18 -22.95 -19.52
CA LYS C 172 0.17 -24.32 -19.89
C LYS C 172 1.62 -24.69 -19.57
N ASP C 173 2.58 -23.80 -19.83
CA ASP C 173 3.99 -24.16 -19.68
C ASP C 173 4.74 -23.32 -18.66
N SER C 174 4.09 -22.36 -18.00
CA SER C 174 4.65 -21.59 -16.90
C SER C 174 5.84 -20.72 -17.32
N THR C 175 6.00 -20.44 -18.62
CA THR C 175 7.05 -19.54 -19.06
C THR C 175 6.56 -18.10 -19.10
N TYR C 176 7.50 -17.20 -19.32
CA TYR C 176 7.26 -15.78 -19.55
C TYR C 176 7.62 -15.43 -20.99
N SER C 177 7.07 -14.32 -21.46
CA SER C 177 7.54 -13.67 -22.66
C SER C 177 7.71 -12.19 -22.39
N LEU C 178 8.63 -11.57 -23.11
CA LEU C 178 9.01 -10.18 -22.85
C LEU C 178 9.08 -9.45 -24.18
N SER C 179 8.61 -8.21 -24.21
CA SER C 179 8.74 -7.40 -25.41
C SER C 179 9.35 -6.06 -25.02
N SER C 180 10.39 -5.66 -25.74
CA SER C 180 11.07 -4.38 -25.54
C SER C 180 10.97 -3.54 -26.80
N THR C 181 10.67 -2.26 -26.65
CA THR C 181 10.56 -1.35 -27.78
C THR C 181 11.59 -0.24 -27.65
N LEU C 182 12.42 -0.09 -28.68
CA LEU C 182 13.35 1.02 -28.82
C LEU C 182 12.70 2.06 -29.72
N THR C 183 12.58 3.29 -29.24
CA THR C 183 11.91 4.33 -30.02
C THR C 183 12.90 5.43 -30.39
N LEU C 184 12.96 5.75 -31.68
CA LEU C 184 13.78 6.80 -32.24
C LEU C 184 12.93 7.63 -33.19
N SER C 185 13.34 8.88 -33.40
CA SER C 185 12.76 9.66 -34.48
C SER C 185 13.20 9.06 -35.82
N LYS C 186 12.41 9.35 -36.86
CA LYS C 186 12.79 8.85 -38.18
C LYS C 186 14.15 9.38 -38.59
N ALA C 187 14.40 10.67 -38.34
CA ALA C 187 15.70 11.26 -38.70
C ALA C 187 16.84 10.58 -37.96
N ASP C 188 16.63 10.26 -36.69
CA ASP C 188 17.66 9.55 -35.92
C ASP C 188 17.85 8.13 -36.41
N TYR C 189 16.73 7.43 -36.69
CA TYR C 189 16.82 6.06 -37.19
C TYR C 189 17.66 6.00 -38.47
N GLU C 190 17.55 7.00 -39.33
CA GLU C 190 18.26 6.97 -40.60
C GLU C 190 19.72 7.37 -40.49
N LYS C 191 20.19 7.76 -39.30
CA LYS C 191 21.59 8.07 -39.10
C LYS C 191 22.44 6.85 -38.75
N HIS C 192 21.84 5.68 -38.61
CA HIS C 192 22.57 4.50 -38.18
C HIS C 192 22.17 3.29 -39.01
N LYS C 193 23.04 2.28 -38.98
CA LYS C 193 22.87 1.10 -39.83
C LYS C 193 22.49 -0.16 -39.06
N VAL C 194 23.23 -0.52 -38.01
CA VAL C 194 23.08 -1.83 -37.38
C VAL C 194 22.24 -1.69 -36.12
N TYR C 195 21.09 -2.35 -36.10
CA TYR C 195 20.17 -2.36 -34.97
C TYR C 195 20.15 -3.75 -34.36
N ALA C 196 20.44 -3.84 -33.06
CA ALA C 196 20.64 -5.15 -32.45
C ALA C 196 20.06 -5.17 -31.04
N CYS C 197 19.50 -6.30 -30.63
CA CYS C 197 19.15 -6.50 -29.24
CA CYS C 197 19.16 -6.51 -29.23
C CYS C 197 19.90 -7.73 -28.74
N GLU C 198 20.62 -7.56 -27.65
CA GLU C 198 21.44 -8.59 -27.05
C GLU C 198 20.75 -9.03 -25.78
N VAL C 199 20.50 -10.33 -25.67
CA VAL C 199 19.72 -10.92 -24.58
C VAL C 199 20.62 -11.77 -23.72
N THR C 200 20.58 -11.55 -22.41
CA THR C 200 21.27 -12.41 -21.46
C THR C 200 20.24 -13.06 -20.56
N HIS C 201 20.40 -14.36 -20.33
CA HIS C 201 19.40 -15.13 -19.60
C HIS C 201 20.09 -16.41 -19.11
N GLN C 202 19.66 -16.88 -17.95
CA GLN C 202 20.28 -18.08 -17.34
C GLN C 202 20.28 -19.27 -18.29
N GLY C 203 19.30 -19.36 -19.18
CA GLY C 203 19.21 -20.46 -20.13
C GLY C 203 20.17 -20.39 -21.31
N LEU C 204 20.84 -19.25 -21.50
CA LEU C 204 21.82 -19.07 -22.56
C LEU C 204 23.23 -19.10 -21.97
N SER C 205 24.08 -19.96 -22.52
CA SER C 205 25.46 -20.01 -22.02
C SER C 205 26.21 -18.71 -22.31
N SER C 206 25.86 -18.04 -23.40
CA SER C 206 26.40 -16.74 -23.75
C SER C 206 25.29 -15.90 -24.30
N PRO C 207 25.39 -14.56 -24.22
CA PRO C 207 24.30 -13.71 -24.68
C PRO C 207 24.00 -13.92 -26.16
N VAL C 208 22.73 -13.80 -26.53
CA VAL C 208 22.28 -13.99 -27.90
C VAL C 208 21.96 -12.61 -28.48
N THR C 209 22.46 -12.34 -29.68
CA THR C 209 22.19 -11.08 -30.36
C THR C 209 21.43 -11.34 -31.65
N LYS C 210 20.33 -10.62 -31.84
CA LYS C 210 19.61 -10.57 -33.09
C LYS C 210 19.72 -9.15 -33.64
N SER C 211 19.97 -9.04 -34.93
CA SER C 211 20.26 -7.73 -35.50
C SER C 211 19.70 -7.66 -36.91
N PHE C 212 19.51 -6.43 -37.38
CA PHE C 212 19.29 -6.20 -38.81
C PHE C 212 20.03 -4.93 -39.20
N ASN C 213 20.25 -4.76 -40.51
CA ASN C 213 20.80 -3.54 -41.06
C ASN C 213 19.67 -2.76 -41.73
N ARG C 214 19.56 -1.49 -41.37
CA ARG C 214 18.50 -0.63 -41.91
C ARG C 214 18.51 -0.70 -43.43
N GLY C 215 17.35 -1.00 -44.01
CA GLY C 215 17.24 -1.22 -45.43
C GLY C 215 17.52 -2.63 -45.89
N GLU C 216 17.17 -3.64 -45.09
CA GLU C 216 17.46 -5.06 -45.35
C GLU C 216 18.83 -5.21 -46.00
N CYS C 217 19.88 -4.88 -45.26
CA CYS C 217 21.23 -4.85 -45.80
C CYS C 217 22.17 -5.76 -45.02
#